data_5FUJ
#
_entry.id   5FUJ
#
_cell.length_a   65.495
_cell.length_b   75.698
_cell.length_c   104.430
_cell.angle_alpha   90.00
_cell.angle_beta   90.00
_cell.angle_gamma   90.00
#
_symmetry.space_group_name_H-M   'P 21 21 21'
#
loop_
_entity.id
_entity.type
_entity.pdbx_description
1 polymer MROUPO
2 branched 2-acetamido-2-deoxy-beta-D-glucopyranose-(1-4)-2-acetamido-2-deoxy-beta-D-glucopyranose
3 branched beta-D-mannopyranose-(1-4)-2-acetamido-2-deoxy-beta-D-glucopyranose-(1-4)-2-acetamido-2-deoxy-beta-D-glucopyranose
4 branched alpha-D-mannopyranose-(1-4)-2-acetamido-2-deoxy-beta-D-glucopyranose-(1-4)-2-acetamido-2-deoxy-beta-D-glucopyranose
5 non-polymer 'PROTOPORPHYRIN IX CONTAINING FE'
6 non-polymer 'ACETATE ION'
7 non-polymer 'MAGNESIUM ION'
8 non-polymer GLYCEROL
9 water water
#
_entity_poly.entity_id   1
_entity_poly.type   'polypeptide(L)'
_entity_poly.pdbx_seq_one_letter_code
;SAHPWKAPGPNDSRGPCPGLNTLANHGFLPRNGRNISVPMIVKAGFEGYNVQSDILILAGKIGMLTSREADTISLEDLKL
HGTIEHDASLSREDVAIGDNLHFNEAIFTTLANSNPGADVYNISSAAQVQHDRLADSLARNPNVTNTDLTATIRSSESAF
FLTVMSAGDPLRGEAPKKFVNVFFREERMPIKEGWKRSTTPITIPLLGPIIERITELSDWKPTGDNCGAIVLSPEL
;
_entity_poly.pdbx_strand_id   A,B
#
loop_
_chem_comp.id
_chem_comp.type
_chem_comp.name
_chem_comp.formula
ACT non-polymer 'ACETATE ION' 'C2 H3 O2 -1'
BMA D-saccharide, beta linking beta-D-mannopyranose 'C6 H12 O6'
GOL non-polymer GLYCEROL 'C3 H8 O3'
HEM non-polymer 'PROTOPORPHYRIN IX CONTAINING FE' 'C34 H32 Fe N4 O4'
MAN D-saccharide, alpha linking alpha-D-mannopyranose 'C6 H12 O6'
MG non-polymer 'MAGNESIUM ION' 'Mg 2'
NAG D-saccharide, beta linking 2-acetamido-2-deoxy-beta-D-glucopyranose 'C8 H15 N O6'
#
# COMPACT_ATOMS: atom_id res chain seq x y z
N SER A 1 -21.66 20.40 21.49
CA SER A 1 -21.91 19.63 20.24
C SER A 1 -21.37 20.34 18.99
N ALA A 2 -20.06 20.35 18.83
CA ALA A 2 -19.47 20.66 17.53
C ALA A 2 -19.59 19.46 16.58
N HIS A 3 -20.10 18.32 17.08
CA HIS A 3 -20.05 17.06 16.32
C HIS A 3 -21.31 16.20 16.42
N PRO A 4 -22.46 16.78 16.08
CA PRO A 4 -23.73 16.04 16.15
C PRO A 4 -23.79 15.01 15.03
N TRP A 5 -24.47 13.89 15.28
CA TRP A 5 -24.69 12.87 14.25
C TRP A 5 -25.71 13.40 13.25
N LYS A 6 -25.42 13.28 11.96
CA LYS A 6 -26.45 13.52 10.95
C LYS A 6 -26.43 12.36 10.00
N ALA A 7 -27.60 11.87 9.61
CA ALA A 7 -27.65 10.76 8.66
C ALA A 7 -27.03 11.17 7.32
N PRO A 8 -26.29 10.27 6.66
CA PRO A 8 -25.66 10.67 5.41
C PRO A 8 -26.73 10.85 4.34
N GLY A 9 -26.52 11.81 3.44
CA GLY A 9 -27.39 11.94 2.26
C GLY A 9 -27.01 10.95 1.17
N PRO A 10 -27.81 10.91 0.08
CA PRO A 10 -27.60 9.90 -0.95
C PRO A 10 -26.30 10.08 -1.72
N ASN A 11 -25.75 11.30 -1.70
CA ASN A 11 -24.45 11.54 -2.33
C ASN A 11 -23.23 11.61 -1.40
N ASP A 12 -23.42 11.45 -0.09
CA ASP A 12 -22.26 11.41 0.82
C ASP A 12 -21.58 10.05 0.73
N SER A 13 -20.27 10.03 0.49
CA SER A 13 -19.55 8.76 0.28
C SER A 13 -19.41 8.02 1.62
N ARG A 14 -19.78 6.74 1.63
CA ARG A 14 -19.61 5.92 2.84
C ARG A 14 -19.06 4.59 2.39
N GLY A 15 -18.31 3.95 3.28
CA GLY A 15 -17.54 2.76 2.94
C GLY A 15 -18.00 1.53 3.72
N PRO A 16 -17.18 0.48 3.69
CA PRO A 16 -17.46 -0.74 4.44
C PRO A 16 -17.04 -0.68 5.90
N CYS A 17 -16.44 0.45 6.31
CA CYS A 17 -15.91 0.61 7.69
C CYS A 17 -16.84 1.43 8.57
N PRO A 18 -17.41 0.80 9.60
CA PRO A 18 -18.21 1.58 10.52
C PRO A 18 -17.41 2.62 11.29
N GLY A 19 -16.14 2.33 11.58
CA GLY A 19 -15.31 3.30 12.34
C GLY A 19 -15.20 4.65 11.60
N LEU A 20 -14.81 4.59 10.33
CA LEU A 20 -14.64 5.81 9.52
C LEU A 20 -16.00 6.41 9.14
N ASN A 21 -16.97 5.57 8.84
CA ASN A 21 -18.31 6.10 8.54
C ASN A 21 -18.89 6.90 9.71
N THR A 22 -18.77 6.35 10.92
CA THR A 22 -19.22 7.04 12.11
C THR A 22 -18.51 8.39 12.32
N LEU A 23 -17.21 8.45 12.05
CA LEU A 23 -16.52 9.72 12.19
C LEU A 23 -17.06 10.74 11.16
N ALA A 24 -17.29 10.30 9.92
CA ALA A 24 -17.91 11.19 8.90
C ALA A 24 -19.31 11.65 9.32
N ASN A 25 -20.13 10.75 9.90
CA ASN A 25 -21.51 11.10 10.32
C ASN A 25 -21.55 12.10 11.48
N HIS A 26 -20.41 12.27 12.14
CA HIS A 26 -20.29 13.23 13.21
C HIS A 26 -19.47 14.45 12.83
N GLY A 27 -18.99 14.50 11.60
CA GLY A 27 -18.22 15.65 11.13
C GLY A 27 -16.78 15.70 11.63
N PHE A 28 -16.29 14.63 12.25
CA PHE A 28 -14.84 14.53 12.53
C PHE A 28 -14.05 14.32 11.24
N LEU A 29 -14.60 13.53 10.33
CA LEU A 29 -14.18 13.55 8.92
C LEU A 29 -15.24 14.34 8.13
N PRO A 30 -14.89 14.75 6.91
CA PRO A 30 -15.88 15.50 6.12
C PRO A 30 -17.16 14.70 6.00
N ARG A 31 -18.30 15.35 6.24
CA ARG A 31 -19.58 14.67 6.14
C ARG A 31 -19.86 14.15 4.73
N ASN A 32 -19.23 14.75 3.71
CA ASN A 32 -19.41 14.23 2.34
C ASN A 32 -18.57 12.97 2.05
N GLY A 33 -17.77 12.54 3.01
CA GLY A 33 -16.92 11.34 2.82
C GLY A 33 -15.83 11.44 1.77
N ARG A 34 -15.47 12.66 1.38
N ARG A 34 -15.52 12.66 1.31
CA ARG A 34 -14.59 12.89 0.23
CA ARG A 34 -14.60 12.86 0.17
C ARG A 34 -13.30 13.60 0.64
C ARG A 34 -13.33 13.60 0.61
N ASN A 35 -12.26 13.45 -0.18
CA ASN A 35 -11.01 14.15 0.04
C ASN A 35 -10.34 13.87 1.38
N ILE A 36 -10.33 12.61 1.80
CA ILE A 36 -9.92 12.26 3.15
C ILE A 36 -8.51 11.72 3.09
N SER A 37 -7.60 12.36 3.79
CA SER A 37 -6.18 12.02 3.75
C SER A 37 -5.82 11.19 4.98
N VAL A 38 -4.60 10.67 5.06
CA VAL A 38 -4.16 9.99 6.28
C VAL A 38 -4.02 10.93 7.49
N PRO A 39 -3.50 12.14 7.28
CA PRO A 39 -3.49 13.05 8.43
C PRO A 39 -4.89 13.38 8.95
N MET A 40 -5.88 13.44 8.06
CA MET A 40 -7.24 13.68 8.48
C MET A 40 -7.79 12.51 9.28
N ILE A 41 -7.55 11.30 8.79
CA ILE A 41 -7.91 10.10 9.54
C ILE A 41 -7.26 10.05 10.91
N VAL A 42 -5.98 10.39 10.97
CA VAL A 42 -5.24 10.35 12.22
C VAL A 42 -5.89 11.33 13.23
N LYS A 43 -6.20 12.54 12.77
CA LYS A 43 -6.81 13.53 13.68
C LYS A 43 -8.22 13.08 14.10
N ALA A 44 -9.01 12.64 13.14
CA ALA A 44 -10.42 12.29 13.42
C ALA A 44 -10.52 11.09 14.36
N GLY A 45 -9.67 10.09 14.17
CA GLY A 45 -9.69 8.91 15.01
C GLY A 45 -9.18 9.23 16.40
N PHE A 46 -8.25 10.16 16.49
CA PHE A 46 -7.82 10.64 17.81
C PHE A 46 -8.94 11.42 18.51
N GLU A 47 -9.56 12.38 17.82
CA GLU A 47 -10.56 13.23 18.47
C GLU A 47 -11.79 12.42 18.83
N GLY A 48 -12.21 11.55 17.91
CA GLY A 48 -13.44 10.80 18.08
C GLY A 48 -13.31 9.69 19.13
N TYR A 49 -12.21 8.93 19.08
CA TYR A 49 -12.16 7.59 19.73
C TYR A 49 -10.95 7.45 20.66
N ASN A 50 -10.00 8.40 20.60
CA ASN A 50 -8.68 8.26 21.27
C ASN A 50 -7.88 7.09 20.68
N VAL A 51 -8.07 6.87 19.39
CA VAL A 51 -7.23 5.91 18.68
C VAL A 51 -5.98 6.63 18.17
N GLN A 52 -4.82 6.02 18.39
CA GLN A 52 -3.54 6.72 18.17
C GLN A 52 -3.00 6.58 16.75
N SER A 53 -1.93 7.33 16.44
CA SER A 53 -1.52 7.47 15.04
C SER A 53 -0.81 6.20 14.56
N ASP A 54 -0.29 5.39 15.48
CA ASP A 54 0.41 4.17 15.06
C ASP A 54 -0.48 3.25 14.18
N ILE A 55 -1.66 2.92 14.67
N ILE A 55 -1.65 2.95 14.73
CA ILE A 55 -2.52 2.05 13.85
CA ILE A 55 -2.68 2.14 14.05
C ILE A 55 -3.19 2.85 12.72
C ILE A 55 -3.13 2.87 12.78
N LEU A 56 -3.45 4.14 12.93
CA LEU A 56 -4.15 4.91 11.89
C LEU A 56 -3.28 5.25 10.69
N ILE A 57 -1.97 5.45 10.94
CA ILE A 57 -1.01 5.66 9.86
C ILE A 57 -0.83 4.38 9.07
N LEU A 58 -0.68 3.27 9.78
CA LEU A 58 -0.48 1.98 9.13
C LEU A 58 -1.70 1.60 8.26
N ALA A 59 -2.88 1.60 8.89
CA ALA A 59 -4.09 1.23 8.15
C ALA A 59 -4.41 2.25 7.08
N GLY A 60 -4.26 3.54 7.43
CA GLY A 60 -4.60 4.63 6.50
C GLY A 60 -3.84 4.62 5.19
N LYS A 61 -2.54 4.37 5.24
CA LYS A 61 -1.75 4.30 4.01
C LYS A 61 -2.10 3.09 3.16
N ILE A 62 -2.46 1.98 3.78
CA ILE A 62 -2.94 0.87 2.97
C ILE A 62 -4.27 1.24 2.30
N GLY A 63 -5.14 1.94 3.03
CA GLY A 63 -6.43 2.37 2.50
C GLY A 63 -6.30 3.35 1.34
N MET A 64 -5.28 4.20 1.37
CA MET A 64 -5.03 5.16 0.28
C MET A 64 -4.88 4.43 -1.07
N LEU A 65 -4.41 3.19 -1.05
CA LEU A 65 -4.15 2.48 -2.32
C LEU A 65 -5.47 2.30 -3.11
N THR A 66 -6.60 2.37 -2.41
CA THR A 66 -7.89 2.06 -3.05
C THR A 66 -8.46 3.18 -3.96
N SER A 67 -7.87 4.37 -3.93
CA SER A 67 -8.36 5.48 -4.80
C SER A 67 -7.40 5.72 -5.96
N ARG A 68 -7.77 6.60 -6.90
CA ARG A 68 -6.82 7.08 -7.91
C ARG A 68 -6.17 8.43 -7.60
N GLU A 69 -6.45 8.99 -6.43
CA GLU A 69 -5.89 10.28 -6.06
C GLU A 69 -4.52 10.16 -5.36
N ALA A 70 -3.75 11.23 -5.43
CA ALA A 70 -2.38 11.23 -4.90
C ALA A 70 -2.30 10.93 -3.39
N ASP A 71 -3.23 11.48 -2.60
CA ASP A 71 -3.07 11.38 -1.14
C ASP A 71 -4.40 11.46 -0.38
N THR A 72 -5.49 11.15 -1.06
CA THR A 72 -6.80 11.07 -0.40
C THR A 72 -7.61 9.91 -0.99
N ILE A 73 -8.68 9.55 -0.27
CA ILE A 73 -9.75 8.65 -0.76
C ILE A 73 -11.13 9.27 -0.57
N SER A 74 -12.13 8.68 -1.23
CA SER A 74 -13.52 8.77 -0.79
C SER A 74 -13.82 7.50 0.02
N LEU A 75 -14.66 7.59 1.03
CA LEU A 75 -14.85 6.44 1.92
C LEU A 75 -15.32 5.21 1.17
N GLU A 76 -16.10 5.42 0.11
CA GLU A 76 -16.62 4.31 -0.66
C GLU A 76 -15.51 3.55 -1.39
N ASP A 77 -14.36 4.20 -1.62
CA ASP A 77 -13.27 3.54 -2.33
C ASP A 77 -12.79 2.29 -1.56
N LEU A 78 -12.93 2.34 -0.23
CA LEU A 78 -12.37 1.33 0.65
C LEU A 78 -13.04 -0.02 0.46
N LYS A 79 -14.16 -0.02 -0.27
CA LYS A 79 -14.84 -1.25 -0.64
C LYS A 79 -14.02 -2.13 -1.59
N LEU A 80 -12.89 -1.61 -2.11
CA LEU A 80 -12.11 -2.35 -3.09
C LEU A 80 -11.71 -3.75 -2.56
N HIS A 81 -12.24 -4.81 -3.19
CA HIS A 81 -12.09 -6.16 -2.61
C HIS A 81 -10.63 -6.60 -2.67
N GLY A 82 -10.08 -7.08 -1.54
CA GLY A 82 -8.73 -7.62 -1.57
C GLY A 82 -7.61 -6.63 -1.31
N THR A 83 -7.93 -5.36 -1.03
CA THR A 83 -6.93 -4.46 -0.42
C THR A 83 -7.01 -4.61 1.12
N ILE A 84 -7.95 -3.89 1.74
CA ILE A 84 -8.36 -4.21 3.12
C ILE A 84 -9.69 -4.99 3.16
N GLU A 85 -10.61 -4.66 2.25
CA GLU A 85 -11.95 -5.25 2.34
C GLU A 85 -11.81 -6.75 2.08
N HIS A 86 -12.55 -7.56 2.83
CA HIS A 86 -12.35 -9.02 2.86
C HIS A 86 -13.68 -9.73 3.03
N ASP A 87 -13.68 -11.01 2.70
CA ASP A 87 -14.80 -11.90 3.02
C ASP A 87 -14.97 -12.16 4.51
N ALA A 88 -16.12 -12.71 4.89
CA ALA A 88 -16.45 -13.00 6.29
C ALA A 88 -16.38 -11.74 7.19
N SER A 89 -16.91 -10.64 6.68
CA SER A 89 -17.20 -9.46 7.49
C SER A 89 -18.31 -9.74 8.48
N LEU A 90 -18.33 -8.89 9.50
CA LEU A 90 -19.28 -8.99 10.58
C LEU A 90 -20.64 -8.47 10.18
N SER A 91 -20.70 -7.57 9.19
CA SER A 91 -21.95 -6.81 8.95
C SER A 91 -22.19 -6.49 7.49
N ARG A 92 -21.33 -7.01 6.60
CA ARG A 92 -21.46 -6.86 5.14
C ARG A 92 -21.43 -8.26 4.49
N GLU A 93 -21.91 -8.36 3.26
CA GLU A 93 -21.85 -9.62 2.50
C GLU A 93 -20.52 -9.74 1.78
N ASP A 94 -20.14 -10.97 1.46
CA ASP A 94 -18.96 -11.21 0.61
C ASP A 94 -19.24 -10.69 -0.78
N VAL A 95 -18.24 -10.06 -1.38
CA VAL A 95 -18.45 -9.40 -2.66
C VAL A 95 -18.85 -10.37 -3.78
N ALA A 96 -18.41 -11.63 -3.74
CA ALA A 96 -18.75 -12.56 -4.82
C ALA A 96 -20.22 -12.97 -4.82
N ILE A 97 -20.91 -12.76 -3.71
CA ILE A 97 -22.25 -13.28 -3.57
C ILE A 97 -23.21 -12.22 -3.06
N GLY A 98 -22.77 -10.97 -3.00
CA GLY A 98 -23.60 -9.94 -2.40
C GLY A 98 -22.91 -8.58 -2.33
N ASP A 99 -23.43 -7.74 -1.47
CA ASP A 99 -23.05 -6.35 -1.35
C ASP A 99 -21.95 -6.25 -0.26
N ASN A 100 -20.71 -5.96 -0.65
CA ASN A 100 -19.59 -5.84 0.32
C ASN A 100 -19.44 -4.47 0.93
N LEU A 101 -20.45 -3.62 0.77
CA LEU A 101 -20.32 -2.20 1.11
C LEU A 101 -21.22 -1.73 2.25
N HIS A 102 -22.51 -2.06 2.17
CA HIS A 102 -23.50 -1.56 3.10
C HIS A 102 -23.73 -2.48 4.30
N PHE A 103 -24.10 -1.87 5.42
CA PHE A 103 -24.54 -2.60 6.59
C PHE A 103 -25.73 -3.48 6.19
N ASN A 104 -25.75 -4.72 6.68
CA ASN A 104 -26.76 -5.69 6.28
C ASN A 104 -27.22 -6.42 7.53
N GLU A 105 -28.47 -6.18 7.97
CA GLU A 105 -28.93 -6.71 9.24
C GLU A 105 -28.87 -8.25 9.28
N ALA A 106 -29.22 -8.90 8.18
CA ALA A 106 -29.18 -10.35 8.12
C ALA A 106 -27.79 -10.89 8.47
N ILE A 107 -26.76 -10.35 7.82
CA ILE A 107 -25.37 -10.72 8.18
C ILE A 107 -25.06 -10.42 9.64
N PHE A 108 -25.46 -9.24 10.12
CA PHE A 108 -25.20 -8.79 11.49
C PHE A 108 -25.82 -9.69 12.56
N THR A 109 -26.76 -10.54 12.16
CA THR A 109 -27.49 -11.41 13.07
C THR A 109 -26.54 -12.25 13.95
N THR A 110 -25.52 -12.84 13.35
CA THR A 110 -24.55 -13.62 14.13
C THR A 110 -23.97 -12.81 15.28
N LEU A 111 -23.43 -11.63 14.99
CA LEU A 111 -22.88 -10.78 16.04
C LEU A 111 -23.95 -10.40 17.04
N ALA A 112 -25.12 -9.99 16.55
CA ALA A 112 -26.16 -9.46 17.44
C ALA A 112 -26.67 -10.53 18.45
N ASN A 113 -26.69 -11.79 18.03
CA ASN A 113 -27.16 -12.89 18.89
C ASN A 113 -26.04 -13.46 19.78
N SER A 114 -24.81 -12.97 19.64
CA SER A 114 -23.68 -13.60 20.33
C SER A 114 -23.61 -13.23 21.83
N ASN A 115 -22.81 -13.98 22.59
CA ASN A 115 -22.78 -13.84 24.05
C ASN A 115 -24.17 -13.84 24.70
N PRO A 116 -24.95 -14.89 24.44
CA PRO A 116 -26.33 -14.89 24.91
C PRO A 116 -26.38 -14.80 26.42
N GLY A 117 -27.27 -13.95 26.93
CA GLY A 117 -27.43 -13.81 28.37
C GLY A 117 -26.61 -12.69 28.98
N ALA A 118 -25.62 -12.19 28.25
CA ALA A 118 -24.77 -11.10 28.77
C ALA A 118 -25.19 -9.76 28.17
N ASP A 119 -24.81 -8.65 28.81
CA ASP A 119 -25.08 -7.34 28.24
C ASP A 119 -23.87 -6.72 27.53
N VAL A 120 -22.81 -7.51 27.37
CA VAL A 120 -21.60 -7.06 26.63
C VAL A 120 -21.22 -8.07 25.56
N TYR A 121 -20.53 -7.60 24.51
CA TYR A 121 -19.73 -8.53 23.70
C TYR A 121 -18.31 -8.59 24.28
N ASN A 122 -17.62 -9.71 24.11
CA ASN A 122 -16.28 -9.79 24.68
C ASN A 122 -15.39 -10.65 23.82
N ILE A 123 -14.17 -10.94 24.30
CA ILE A 123 -13.20 -11.58 23.43
C ILE A 123 -13.65 -12.98 22.99
N SER A 124 -14.24 -13.74 23.89
CA SER A 124 -14.69 -15.06 23.46
C SER A 124 -15.89 -15.05 22.52
N SER A 125 -16.84 -14.16 22.74
CA SER A 125 -17.96 -14.02 21.83
C SER A 125 -17.51 -13.50 20.46
N ALA A 126 -16.51 -12.64 20.45
CA ALA A 126 -16.01 -12.13 19.16
C ALA A 126 -15.38 -13.28 18.38
N ALA A 127 -14.62 -14.13 19.08
CA ALA A 127 -13.93 -15.22 18.43
C ALA A 127 -14.96 -16.19 17.85
N GLN A 128 -16.03 -16.42 18.60
CA GLN A 128 -17.07 -17.36 18.13
C GLN A 128 -17.76 -16.76 16.89
N VAL A 129 -18.04 -15.47 16.98
CA VAL A 129 -18.66 -14.77 15.85
C VAL A 129 -17.78 -14.91 14.62
N GLN A 130 -16.47 -14.66 14.76
CA GLN A 130 -15.59 -14.82 13.63
C GLN A 130 -15.62 -16.22 13.07
N HIS A 131 -15.54 -17.20 13.97
CA HIS A 131 -15.61 -18.59 13.51
C HIS A 131 -16.87 -18.85 12.67
N ASP A 132 -18.01 -18.37 13.15
CA ASP A 132 -19.29 -18.69 12.51
C ASP A 132 -19.50 -17.88 11.22
N ARG A 133 -18.97 -16.65 11.18
CA ARG A 133 -18.99 -15.87 9.93
C ARG A 133 -18.10 -16.47 8.85
N LEU A 134 -16.90 -16.92 9.24
CA LEU A 134 -16.03 -17.58 8.28
C LEU A 134 -16.69 -18.88 7.77
N ALA A 135 -17.25 -19.67 8.68
CA ALA A 135 -17.92 -20.91 8.27
C ALA A 135 -19.03 -20.61 7.24
N ASP A 136 -19.80 -19.55 7.48
CA ASP A 136 -20.81 -19.12 6.52
C ASP A 136 -20.23 -18.84 5.14
N SER A 137 -19.17 -18.05 5.08
CA SER A 137 -18.50 -17.76 3.81
C SER A 137 -17.99 -19.04 3.16
N LEU A 138 -17.40 -19.91 3.96
CA LEU A 138 -16.85 -21.14 3.40
C LEU A 138 -18.00 -22.03 2.84
N ALA A 139 -19.16 -21.99 3.48
CA ALA A 139 -20.27 -22.82 3.06
C ALA A 139 -20.89 -22.24 1.79
N ARG A 140 -20.97 -20.91 1.70
CA ARG A 140 -21.80 -20.27 0.68
C ARG A 140 -21.06 -19.59 -0.48
N ASN A 141 -19.76 -19.33 -0.33
CA ASN A 141 -18.99 -18.55 -1.30
C ASN A 141 -17.85 -19.32 -1.93
N PRO A 142 -18.04 -19.76 -3.19
CA PRO A 142 -17.02 -20.53 -3.89
C PRO A 142 -15.70 -19.77 -4.11
N ASN A 143 -15.72 -18.44 -4.05
CA ASN A 143 -14.49 -17.68 -4.27
C ASN A 143 -13.93 -17.09 -2.97
N VAL A 144 -14.31 -17.65 -1.82
CA VAL A 144 -13.85 -17.12 -0.52
C VAL A 144 -12.32 -16.99 -0.44
N THR A 145 -11.84 -15.89 0.12
CA THR A 145 -10.40 -15.72 0.37
C THR A 145 -10.20 -15.62 1.87
N ASN A 146 -9.39 -16.53 2.40
CA ASN A 146 -9.21 -16.65 3.86
C ASN A 146 -7.78 -17.04 4.15
N THR A 147 -6.99 -16.05 4.59
CA THR A 147 -5.52 -16.17 4.68
C THR A 147 -5.07 -15.60 6.02
N ASP A 148 -3.78 -15.76 6.34
CA ASP A 148 -3.27 -15.25 7.60
C ASP A 148 -3.62 -13.75 7.64
N LEU A 149 -3.42 -13.07 6.52
CA LEU A 149 -3.65 -11.62 6.46
C LEU A 149 -5.15 -11.27 6.71
N THR A 150 -6.08 -11.91 5.99
CA THR A 150 -7.49 -11.51 6.19
C THR A 150 -7.91 -11.90 7.60
N ALA A 151 -7.32 -12.95 8.16
CA ALA A 151 -7.69 -13.38 9.49
C ALA A 151 -7.21 -12.35 10.54
N THR A 152 -6.01 -11.83 10.35
CA THR A 152 -5.48 -10.79 11.24
C THR A 152 -6.29 -9.48 11.15
N ILE A 153 -6.63 -9.09 9.92
CA ILE A 153 -7.45 -7.90 9.70
C ILE A 153 -8.79 -8.05 10.41
N ARG A 154 -9.41 -9.23 10.27
CA ARG A 154 -10.68 -9.50 10.93
C ARG A 154 -10.60 -9.41 12.45
N SER A 155 -9.60 -10.04 13.05
CA SER A 155 -9.40 -9.89 14.50
C SER A 155 -9.10 -8.43 14.94
N SER A 156 -8.35 -7.71 14.11
CA SER A 156 -8.09 -6.29 14.36
C SER A 156 -9.40 -5.51 14.43
N GLU A 157 -10.29 -5.80 13.48
CA GLU A 157 -11.60 -5.12 13.45
C GLU A 157 -12.49 -5.45 14.63
N SER A 158 -12.51 -6.71 15.06
CA SER A 158 -13.26 -7.07 16.27
C SER A 158 -12.67 -6.38 17.48
N ALA A 159 -11.34 -6.36 17.56
CA ALA A 159 -10.66 -5.70 18.66
C ALA A 159 -10.99 -4.18 18.61
N PHE A 160 -11.06 -3.62 17.40
CA PHE A 160 -11.46 -2.20 17.29
C PHE A 160 -12.83 -1.95 17.94
N PHE A 161 -13.84 -2.74 17.58
CA PHE A 161 -15.18 -2.42 18.11
C PHE A 161 -15.27 -2.74 19.62
N LEU A 162 -14.50 -3.74 20.07
CA LEU A 162 -14.49 -4.03 21.52
C LEU A 162 -13.84 -2.90 22.32
N THR A 163 -12.80 -2.27 21.77
CA THR A 163 -12.08 -1.24 22.52
C THR A 163 -12.69 0.16 22.35
N VAL A 164 -12.98 0.55 21.11
CA VAL A 164 -13.48 1.91 20.84
C VAL A 164 -14.89 2.14 21.45
N MET A 165 -15.71 1.09 21.45
CA MET A 165 -17.09 1.17 22.00
C MET A 165 -17.19 0.61 23.41
N SER A 166 -16.07 0.54 24.13
CA SER A 166 -16.11 0.01 25.49
C SER A 166 -16.78 1.01 26.44
N ALA A 167 -17.10 0.54 27.63
CA ALA A 167 -17.73 1.36 28.68
C ALA A 167 -16.67 2.11 29.49
N GLY A 168 -15.47 2.25 28.93
CA GLY A 168 -14.53 3.20 29.49
C GLY A 168 -13.12 2.66 29.72
N ASP A 169 -12.98 1.35 29.80
CA ASP A 169 -11.64 0.77 29.95
C ASP A 169 -11.33 -0.18 28.81
N PRO A 170 -10.68 0.31 27.74
CA PRO A 170 -10.61 -0.53 26.54
C PRO A 170 -9.77 -1.78 26.78
N LEU A 171 -8.93 -1.76 27.82
CA LEU A 171 -8.09 -2.93 28.13
C LEU A 171 -8.89 -4.20 28.37
N ARG A 172 -10.13 -4.04 28.83
CA ARG A 172 -10.95 -5.17 29.22
C ARG A 172 -11.38 -6.05 28.04
N GLY A 173 -11.23 -5.57 26.82
CA GLY A 173 -11.70 -6.31 25.66
C GLY A 173 -13.19 -6.64 25.72
N GLU A 174 -14.00 -5.71 26.20
CA GLU A 174 -15.45 -5.94 26.22
C GLU A 174 -16.19 -4.64 26.04
N ALA A 175 -17.37 -4.73 25.42
CA ALA A 175 -18.16 -3.53 25.12
C ALA A 175 -19.67 -3.82 25.26
N PRO A 176 -20.42 -2.88 25.84
CA PRO A 176 -21.87 -3.08 25.93
C PRO A 176 -22.50 -3.31 24.56
N LYS A 177 -23.40 -4.28 24.48
CA LYS A 177 -24.08 -4.56 23.23
C LYS A 177 -24.80 -3.30 22.80
N LYS A 178 -25.34 -2.56 23.76
CA LYS A 178 -26.15 -1.39 23.42
C LYS A 178 -25.31 -0.32 22.72
N PHE A 179 -24.01 -0.28 23.04
CA PHE A 179 -23.10 0.63 22.29
C PHE A 179 -22.72 0.08 20.94
N VAL A 180 -22.30 -1.19 20.91
CA VAL A 180 -21.79 -1.77 19.65
C VAL A 180 -22.90 -1.90 18.58
N ASN A 181 -24.11 -2.18 19.05
CA ASN A 181 -25.24 -2.33 18.10
C ASN A 181 -25.59 -1.02 17.38
N VAL A 182 -25.55 0.08 18.12
CA VAL A 182 -25.76 1.44 17.60
C VAL A 182 -24.64 1.84 16.62
N PHE A 183 -23.41 1.58 17.05
CA PHE A 183 -22.22 1.77 16.19
C PHE A 183 -22.37 1.14 14.79
N PHE A 184 -22.68 -0.16 14.73
CA PHE A 184 -22.85 -0.87 13.44
C PHE A 184 -24.12 -0.43 12.68
N ARG A 185 -25.26 -0.40 13.37
CA ARG A 185 -26.56 -0.28 12.70
C ARG A 185 -26.79 1.14 12.25
N GLU A 186 -26.34 2.11 13.04
CA GLU A 186 -26.57 3.53 12.76
C GLU A 186 -25.29 4.29 12.36
N GLU A 187 -24.13 3.68 12.63
CA GLU A 187 -22.87 4.40 12.41
C GLU A 187 -22.92 5.74 13.10
N ARG A 188 -23.25 5.65 14.39
CA ARG A 188 -23.42 6.75 15.32
C ARG A 188 -22.67 6.42 16.61
N MET A 189 -22.02 7.42 17.20
CA MET A 189 -21.48 7.29 18.55
C MET A 189 -22.66 7.25 19.52
N PRO A 190 -22.72 6.24 20.42
CA PRO A 190 -23.97 6.14 21.19
C PRO A 190 -23.93 7.01 22.45
N ILE A 191 -23.90 8.31 22.22
CA ILE A 191 -23.69 9.25 23.29
C ILE A 191 -24.91 9.27 24.22
N LYS A 192 -26.11 9.29 23.65
CA LYS A 192 -27.29 9.35 24.51
C LYS A 192 -27.48 8.05 25.29
N GLU A 193 -27.02 6.95 24.72
CA GLU A 193 -27.01 5.67 25.41
C GLU A 193 -25.98 5.60 26.54
N GLY A 194 -25.04 6.54 26.58
CA GLY A 194 -24.09 6.68 27.69
C GLY A 194 -22.62 6.46 27.36
N TRP A 195 -22.30 6.28 26.08
CA TRP A 195 -20.92 5.99 25.68
C TRP A 195 -20.12 7.29 25.75
N LYS A 196 -18.84 7.22 26.12
CA LYS A 196 -17.97 8.39 25.99
C LYS A 196 -16.66 7.94 25.34
N ARG A 197 -16.01 8.83 24.62
CA ARG A 197 -14.64 8.61 24.17
C ARG A 197 -13.73 7.98 25.23
N SER A 198 -12.97 6.95 24.86
CA SER A 198 -12.03 6.32 25.82
C SER A 198 -11.06 7.37 26.37
N THR A 199 -10.81 7.36 27.68
CA THR A 199 -9.76 8.21 28.24
C THR A 199 -8.41 7.52 28.22
N THR A 200 -8.39 6.27 27.76
CA THR A 200 -7.11 5.52 27.56
C THR A 200 -6.79 5.45 26.06
N PRO A 201 -5.56 5.81 25.68
CA PRO A 201 -5.23 5.80 24.26
C PRO A 201 -5.21 4.36 23.71
N ILE A 202 -5.77 4.19 22.52
CA ILE A 202 -5.92 2.87 21.92
C ILE A 202 -4.85 2.78 20.85
N THR A 203 -3.89 1.89 21.08
CA THR A 203 -2.62 1.89 20.32
C THR A 203 -2.39 0.47 19.82
N ILE A 204 -1.37 0.28 19.01
CA ILE A 204 -1.01 -1.07 18.60
C ILE A 204 -0.69 -2.02 19.76
N PRO A 205 0.15 -1.59 20.72
CA PRO A 205 0.41 -2.47 21.88
C PRO A 205 -0.82 -2.82 22.70
N LEU A 206 -1.77 -1.90 22.81
CA LEU A 206 -3.01 -2.20 23.51
C LEU A 206 -3.85 -3.25 22.75
N LEU A 207 -3.92 -3.11 21.43
CA LEU A 207 -4.76 -3.99 20.61
C LEU A 207 -4.15 -5.38 20.46
N GLY A 208 -2.83 -5.47 20.37
CA GLY A 208 -2.18 -6.70 19.93
C GLY A 208 -2.56 -7.96 20.72
N PRO A 209 -2.57 -7.88 22.04
CA PRO A 209 -2.91 -9.10 22.83
C PRO A 209 -4.39 -9.45 22.68
N ILE A 210 -5.24 -8.44 22.47
CA ILE A 210 -6.66 -8.71 22.19
C ILE A 210 -6.85 -9.42 20.87
N ILE A 211 -6.14 -8.93 19.84
CA ILE A 211 -6.18 -9.52 18.52
C ILE A 211 -5.72 -10.98 18.57
N GLU A 212 -4.60 -11.23 19.24
CA GLU A 212 -4.07 -12.60 19.32
C GLU A 212 -4.98 -13.55 20.05
N ARG A 213 -5.62 -13.06 21.11
CA ARG A 213 -6.50 -13.91 21.91
C ARG A 213 -7.75 -14.26 21.10
N ILE A 214 -8.32 -13.25 20.42
CA ILE A 214 -9.47 -13.49 19.52
C ILE A 214 -9.16 -14.55 18.49
N THR A 215 -8.01 -14.42 17.85
CA THR A 215 -7.63 -15.43 16.88
C THR A 215 -7.51 -16.81 17.50
N GLU A 216 -6.80 -16.90 18.62
CA GLU A 216 -6.59 -18.16 19.31
C GLU A 216 -7.90 -18.88 19.62
N LEU A 217 -8.89 -18.14 20.11
CA LEU A 217 -10.17 -18.72 20.50
C LEU A 217 -11.11 -19.03 19.31
N SER A 218 -10.71 -18.64 18.10
CA SER A 218 -11.60 -18.64 16.95
C SER A 218 -11.54 -19.94 16.15
N ASP A 219 -10.75 -20.91 16.63
CA ASP A 219 -10.57 -22.20 15.91
C ASP A 219 -10.35 -22.00 14.43
N TRP A 220 -9.31 -21.26 14.09
CA TRP A 220 -9.11 -20.78 12.72
C TRP A 220 -8.09 -21.64 11.99
N LYS A 221 -8.30 -21.87 10.70
CA LYS A 221 -7.28 -22.36 9.78
C LYS A 221 -7.45 -21.60 8.46
N PRO A 222 -6.38 -21.48 7.67
CA PRO A 222 -6.41 -20.76 6.39
C PRO A 222 -7.03 -21.63 5.29
N THR A 223 -7.28 -21.04 4.12
CA THR A 223 -7.97 -21.73 3.02
C THR A 223 -7.09 -21.61 1.80
N GLY A 224 -7.01 -22.69 1.01
CA GLY A 224 -6.39 -22.58 -0.31
C GLY A 224 -4.91 -22.23 -0.22
N ASP A 225 -4.44 -21.36 -1.11
CA ASP A 225 -3.02 -21.01 -1.19
C ASP A 225 -2.46 -20.33 0.07
N ASN A 226 -3.35 -19.70 0.84
CA ASN A 226 -2.91 -18.89 1.99
C ASN A 226 -1.86 -17.87 1.62
N CYS A 227 -2.11 -17.11 0.55
CA CYS A 227 -1.15 -16.10 0.10
C CYS A 227 -1.64 -14.69 0.47
N GLY A 228 -0.83 -13.91 1.18
CA GLY A 228 -1.26 -12.60 1.64
C GLY A 228 -1.13 -11.46 0.64
N ALA A 229 -1.32 -11.74 -0.64
CA ALA A 229 -1.18 -10.71 -1.68
C ALA A 229 -2.36 -9.75 -1.59
N ILE A 230 -2.11 -8.44 -1.65
CA ILE A 230 -3.22 -7.48 -1.71
C ILE A 230 -3.31 -6.81 -3.07
N VAL A 231 -4.47 -6.22 -3.31
CA VAL A 231 -4.73 -5.45 -4.50
C VAL A 231 -4.16 -4.06 -4.28
N LEU A 232 -3.25 -3.65 -5.17
CA LEU A 232 -2.39 -2.46 -4.91
C LEU A 232 -2.96 -1.17 -5.48
N SER A 233 -4.05 -1.27 -6.24
CA SER A 233 -4.68 -0.09 -6.84
C SER A 233 -6.00 -0.49 -7.47
N PRO A 234 -6.89 0.50 -7.69
CA PRO A 234 -8.08 0.21 -8.49
C PRO A 234 -7.72 -0.15 -9.94
N GLU A 235 -8.70 -0.64 -10.69
CA GLU A 235 -8.37 -1.16 -12.03
C GLU A 235 -7.57 -0.14 -12.82
N LEU A 236 -6.43 -0.58 -13.37
CA LEU A 236 -5.53 0.32 -14.11
C LEU A 236 -6.07 0.63 -15.53
N SER B 1 20.14 25.19 -16.79
CA SER B 1 18.89 25.74 -16.19
C SER B 1 19.00 25.81 -14.67
N ALA B 2 17.84 25.90 -14.03
CA ALA B 2 17.73 26.22 -12.62
C ALA B 2 17.84 24.98 -11.73
N HIS B 3 18.16 23.83 -12.32
CA HIS B 3 18.16 22.59 -11.53
C HIS B 3 19.45 21.81 -11.66
N PRO B 4 20.55 22.38 -11.13
CA PRO B 4 21.86 21.81 -11.41
C PRO B 4 22.06 20.54 -10.60
N TRP B 5 22.85 19.60 -11.15
CA TRP B 5 23.24 18.43 -10.37
C TRP B 5 24.16 18.82 -9.22
N LYS B 6 23.90 18.27 -8.03
CA LYS B 6 24.91 18.29 -6.95
C LYS B 6 24.97 16.91 -6.31
N ALA B 7 26.17 16.43 -6.01
CA ALA B 7 26.31 15.13 -5.35
C ALA B 7 25.66 15.20 -3.96
N PRO B 8 24.99 14.13 -3.55
CA PRO B 8 24.41 14.11 -2.21
C PRO B 8 25.49 14.14 -1.12
N GLY B 9 25.23 14.87 -0.04
CA GLY B 9 26.11 14.81 1.13
C GLY B 9 25.84 13.58 1.98
N PRO B 10 26.61 13.40 3.05
CA PRO B 10 26.47 12.26 3.96
C PRO B 10 25.09 12.17 4.61
N ASN B 11 24.45 13.32 4.85
CA ASN B 11 23.14 13.33 5.52
C ASN B 11 21.95 13.42 4.55
N ASP B 12 22.22 13.47 3.24
CA ASP B 12 21.13 13.51 2.26
C ASP B 12 20.64 12.07 2.02
N SER B 13 19.36 11.84 2.26
CA SER B 13 18.77 10.50 2.10
C SER B 13 18.67 10.15 0.61
N ARG B 14 19.16 8.96 0.26
CA ARG B 14 19.04 8.43 -1.09
C ARG B 14 18.67 6.95 -0.99
N GLY B 15 17.93 6.46 -1.97
CA GLY B 15 17.29 5.14 -1.88
C GLY B 15 17.79 4.23 -2.99
N PRO B 16 17.04 3.15 -3.30
CA PRO B 16 17.50 2.18 -4.29
C PRO B 16 17.00 2.55 -5.71
N CYS B 17 16.34 3.70 -5.84
CA CYS B 17 15.73 4.11 -7.12
C CYS B 17 16.53 5.24 -7.80
N PRO B 18 17.12 4.96 -8.99
CA PRO B 18 17.87 6.03 -9.67
C PRO B 18 16.95 7.13 -10.20
N GLY B 19 15.67 6.82 -10.38
CA GLY B 19 14.73 7.84 -10.86
C GLY B 19 14.53 8.92 -9.84
N LEU B 20 14.15 8.52 -8.61
CA LEU B 20 13.91 9.52 -7.57
C LEU B 20 15.23 10.14 -7.11
N ASN B 21 16.28 9.33 -6.99
CA ASN B 21 17.55 9.87 -6.50
C ASN B 21 18.05 11.00 -7.42
N THR B 22 17.91 10.78 -8.72
CA THR B 22 18.25 11.77 -9.76
C THR B 22 17.44 13.05 -9.66
N LEU B 23 16.13 12.91 -9.44
CA LEU B 23 15.31 14.09 -9.20
C LEU B 23 15.80 14.90 -7.98
N ALA B 24 16.14 14.20 -6.89
CA ALA B 24 16.68 14.87 -5.69
C ALA B 24 18.07 15.48 -5.92
N ASN B 25 18.92 14.82 -6.71
CA ASN B 25 20.25 15.38 -7.01
C ASN B 25 20.21 16.67 -7.84
N HIS B 26 19.06 16.95 -8.45
CA HIS B 26 18.89 18.15 -9.29
C HIS B 26 17.91 19.14 -8.60
N GLY B 27 17.43 18.78 -7.40
CA GLY B 27 16.52 19.64 -6.65
C GLY B 27 15.09 19.67 -7.13
N PHE B 28 14.70 18.73 -8.01
CA PHE B 28 13.28 18.60 -8.35
C PHE B 28 12.52 18.07 -7.16
N LEU B 29 13.15 17.14 -6.45
CA LEU B 29 12.78 16.80 -5.10
C LEU B 29 13.76 17.50 -4.14
N PRO B 30 13.41 17.59 -2.86
CA PRO B 30 14.38 18.14 -1.89
C PRO B 30 15.73 17.43 -1.92
N ARG B 31 16.80 18.22 -1.90
CA ARG B 31 18.13 17.65 -2.01
C ARG B 31 18.45 16.78 -0.82
N ASN B 32 17.80 17.03 0.32
CA ASN B 32 18.08 16.20 1.48
C ASN B 32 17.35 14.87 1.42
N GLY B 33 16.49 14.72 0.42
CA GLY B 33 15.77 13.46 0.23
C GLY B 33 14.75 13.11 1.32
N ARG B 34 14.29 14.12 2.05
N ARG B 34 14.29 14.12 2.06
CA ARG B 34 13.42 13.89 3.21
CA ARG B 34 13.43 13.89 3.22
C ARG B 34 12.07 14.60 3.05
C ARG B 34 12.09 14.60 3.08
N ASN B 35 11.09 14.15 3.83
CA ASN B 35 9.73 14.74 3.85
CA ASN B 35 9.77 14.79 3.84
C ASN B 35 9.10 14.78 2.45
N ILE B 36 9.19 13.65 1.74
CA ILE B 36 8.72 13.62 0.36
C ILE B 36 7.38 12.92 0.27
N SER B 37 6.40 13.65 -0.26
CA SER B 37 5.03 13.20 -0.35
C SER B 37 4.73 12.77 -1.80
N VAL B 38 3.61 12.09 -2.02
CA VAL B 38 3.23 11.70 -3.38
C VAL B 38 2.96 12.91 -4.29
N PRO B 39 2.28 13.95 -3.79
CA PRO B 39 2.17 15.12 -4.66
C PRO B 39 3.54 15.70 -5.10
N MET B 40 4.52 15.66 -4.19
CA MET B 40 5.88 16.09 -4.53
C MET B 40 6.50 15.22 -5.62
N ILE B 41 6.37 13.90 -5.46
CA ILE B 41 6.84 12.97 -6.49
C ILE B 41 6.15 13.22 -7.85
N VAL B 42 4.82 13.37 -7.84
CA VAL B 42 4.07 13.62 -9.07
C VAL B 42 4.61 14.86 -9.78
N LYS B 43 4.83 15.95 -9.03
CA LYS B 43 5.28 17.20 -9.63
C LYS B 43 6.73 17.10 -10.11
N ALA B 44 7.58 16.46 -9.31
CA ALA B 44 9.00 16.36 -9.70
C ALA B 44 9.14 15.45 -10.92
N GLY B 45 8.38 14.36 -10.94
CA GLY B 45 8.46 13.43 -12.08
C GLY B 45 7.96 14.06 -13.37
N PHE B 46 6.93 14.90 -13.27
CA PHE B 46 6.50 15.65 -14.44
C PHE B 46 7.55 16.66 -14.89
N GLU B 47 8.06 17.47 -13.96
CA GLU B 47 9.01 18.51 -14.29
C GLU B 47 10.32 17.96 -14.81
N GLY B 48 10.77 16.85 -14.23
CA GLY B 48 12.10 16.36 -14.56
C GLY B 48 12.09 15.51 -15.82
N TYR B 49 11.04 14.68 -15.98
CA TYR B 49 11.07 13.58 -16.95
C TYR B 49 9.89 13.59 -17.92
N ASN B 50 8.86 14.39 -17.62
CA ASN B 50 7.54 14.28 -18.29
C ASN B 50 6.87 12.92 -18.03
N VAL B 51 7.13 12.37 -16.85
CA VAL B 51 6.36 11.22 -16.36
C VAL B 51 5.08 11.72 -15.70
N GLN B 52 3.97 11.10 -16.05
CA GLN B 52 2.64 11.56 -15.71
C GLN B 52 2.15 11.04 -14.36
N SER B 53 1.03 11.60 -13.91
CA SER B 53 0.56 11.33 -12.55
C SER B 53 0.03 9.89 -12.38
N ASP B 54 -0.46 9.29 -13.45
CA ASP B 54 -1.03 7.94 -13.35
C ASP B 54 -0.03 6.93 -12.76
N ILE B 55 1.17 6.85 -13.33
N ILE B 55 1.15 6.87 -13.39
CA ILE B 55 2.15 5.92 -12.81
CA ILE B 55 2.25 6.06 -12.93
C ILE B 55 2.77 6.41 -11.49
C ILE B 55 2.67 6.43 -11.52
N LEU B 56 2.89 7.72 -11.31
CA LEU B 56 3.51 8.21 -10.06
C LEU B 56 2.59 8.13 -8.83
N ILE B 57 1.29 8.25 -9.04
CA ILE B 57 0.36 8.06 -7.93
C ILE B 57 0.33 6.60 -7.51
N LEU B 58 0.27 5.73 -8.51
CA LEU B 58 0.19 4.30 -8.25
C LEU B 58 1.44 3.80 -7.51
N ALA B 59 2.62 4.07 -8.06
CA ALA B 59 3.88 3.67 -7.41
C ALA B 59 4.12 4.48 -6.14
N GLY B 60 3.84 5.78 -6.18
CA GLY B 60 4.09 6.64 -4.99
C GLY B 60 3.38 6.14 -3.74
N LYS B 61 2.10 5.76 -3.87
CA LYS B 61 1.35 5.37 -2.68
C LYS B 61 1.82 4.03 -2.15
N ILE B 62 2.30 3.15 -3.04
CA ILE B 62 2.92 1.92 -2.56
C ILE B 62 4.22 2.23 -1.78
N GLY B 63 5.01 3.16 -2.32
CA GLY B 63 6.26 3.56 -1.66
C GLY B 63 6.04 4.20 -0.28
N MET B 64 4.94 4.93 -0.13
CA MET B 64 4.60 5.55 1.14
C MET B 64 4.50 4.52 2.27
N LEU B 65 4.17 3.26 1.94
CA LEU B 65 4.07 2.23 2.99
C LEU B 65 5.42 2.01 3.71
N THR B 66 6.52 2.36 3.05
CA THR B 66 7.83 2.05 3.59
C THR B 66 8.29 2.88 4.79
N SER B 67 7.62 3.99 5.09
CA SER B 67 8.00 4.84 6.23
C SER B 67 7.02 4.67 7.38
N ARG B 68 7.31 5.31 8.51
CA ARG B 68 6.34 5.37 9.60
C ARG B 68 5.53 6.68 9.66
N GLU B 69 5.72 7.54 8.67
CA GLU B 69 5.02 8.83 8.67
C GLU B 69 3.66 8.75 7.98
N ALA B 70 2.80 9.72 8.29
CA ALA B 70 1.44 9.71 7.76
C ALA B 70 1.39 9.82 6.23
N ASP B 71 2.27 10.64 5.65
CA ASP B 71 2.17 10.95 4.22
C ASP B 71 3.45 11.31 3.50
N THR B 72 4.61 10.98 4.08
CA THR B 72 5.87 11.28 3.43
C THR B 72 6.80 10.11 3.64
N ILE B 73 7.90 10.11 2.89
CA ILE B 73 8.98 9.18 3.17
C ILE B 73 10.29 9.98 3.12
N SER B 74 11.36 9.35 3.61
CA SER B 74 12.71 9.67 3.18
C SER B 74 13.05 8.70 2.02
N LEU B 75 13.91 9.13 1.11
CA LEU B 75 14.23 8.23 -0.02
C LEU B 75 14.81 6.90 0.41
N GLU B 76 15.64 6.91 1.45
CA GLU B 76 16.25 5.67 1.89
C GLU B 76 15.21 4.62 2.38
N ASP B 77 14.06 5.10 2.87
CA ASP B 77 13.00 4.21 3.36
C ASP B 77 12.61 3.16 2.29
N LEU B 78 12.73 3.53 1.02
CA LEU B 78 12.26 2.71 -0.12
C LEU B 78 13.12 1.43 -0.29
N LYS B 79 14.26 1.38 0.39
CA LYS B 79 15.03 0.14 0.41
C LYS B 79 14.31 -1.03 1.13
N LEU B 80 13.21 -0.74 1.82
CA LEU B 80 12.49 -1.79 2.60
C LEU B 80 12.24 -3.03 1.75
N HIS B 81 12.85 -4.15 2.12
CA HIS B 81 12.82 -5.30 1.20
C HIS B 81 11.40 -5.89 1.14
N GLY B 82 10.89 -6.05 -0.10
CA GLY B 82 9.63 -6.75 -0.34
C GLY B 82 8.37 -5.88 -0.29
N THR B 83 8.54 -4.57 -0.22
CA THR B 83 7.46 -3.64 -0.58
C THR B 83 7.53 -3.38 -2.08
N ILE B 84 8.40 -2.46 -2.50
CA ILE B 84 8.81 -2.40 -3.91
C ILE B 84 10.18 -3.06 -4.12
N GLU B 85 11.10 -2.81 -3.21
CA GLU B 85 12.49 -3.26 -3.43
C GLU B 85 12.49 -4.79 -3.53
N HIS B 86 13.24 -5.29 -4.52
CA HIS B 86 13.24 -6.71 -4.88
C HIS B 86 14.64 -7.19 -5.22
N ASP B 87 14.80 -8.51 -5.21
CA ASP B 87 15.98 -9.16 -5.75
C ASP B 87 16.07 -8.99 -7.24
N ALA B 88 17.25 -9.33 -7.77
CA ALA B 88 17.55 -9.24 -9.20
C ALA B 88 17.31 -7.82 -9.75
N SER B 89 17.80 -6.84 -8.99
CA SER B 89 17.89 -5.45 -9.46
C SER B 89 18.95 -5.34 -10.53
N LEU B 90 18.87 -4.28 -11.34
CA LEU B 90 19.89 -4.00 -12.37
C LEU B 90 21.24 -3.52 -11.85
N SER B 91 21.25 -2.90 -10.66
CA SER B 91 22.43 -2.12 -10.24
C SER B 91 22.67 -2.22 -8.74
N ARG B 92 21.82 -2.97 -8.03
CA ARG B 92 21.96 -3.23 -6.59
C ARG B 92 22.07 -4.73 -6.33
N GLU B 93 22.61 -5.10 -5.16
CA GLU B 93 22.72 -6.50 -4.75
C GLU B 93 21.43 -6.89 -4.07
N ASP B 94 21.14 -8.19 -4.04
CA ASP B 94 20.02 -8.74 -3.25
C ASP B 94 20.28 -8.54 -1.76
N VAL B 95 19.25 -8.17 -0.99
CA VAL B 95 19.45 -7.85 0.41
C VAL B 95 20.04 -9.02 1.20
N ALA B 96 19.68 -10.25 0.86
CA ALA B 96 20.11 -11.41 1.67
C ALA B 96 21.61 -11.64 1.54
N ILE B 97 22.21 -11.16 0.45
CA ILE B 97 23.62 -11.43 0.23
C ILE B 97 24.45 -10.19 0.03
N GLY B 98 23.83 -9.03 0.18
CA GLY B 98 24.59 -7.81 0.01
C GLY B 98 23.80 -6.56 0.26
N ASP B 99 24.22 -5.49 -0.41
CA ASP B 99 23.73 -4.13 -0.13
C ASP B 99 22.64 -3.83 -1.17
N ASN B 100 21.39 -3.71 -0.72
CA ASN B 100 20.25 -3.58 -1.66
C ASN B 100 19.90 -2.11 -1.91
N LEU B 101 20.82 -1.23 -1.51
CA LEU B 101 20.56 0.22 -1.46
C LEU B 101 21.36 1.02 -2.47
N HIS B 102 22.69 0.80 -2.51
CA HIS B 102 23.61 1.64 -3.29
C HIS B 102 23.89 1.07 -4.67
N PHE B 103 24.20 1.96 -5.61
CA PHE B 103 24.71 1.53 -6.91
C PHE B 103 25.96 0.67 -6.75
N ASN B 104 26.05 -0.39 -7.57
CA ASN B 104 27.15 -1.38 -7.46
C ASN B 104 27.68 -1.71 -8.84
N GLU B 105 28.90 -1.28 -9.16
CA GLU B 105 29.40 -1.41 -10.53
C GLU B 105 29.47 -2.88 -10.95
N ALA B 106 29.90 -3.75 -10.05
CA ALA B 106 29.98 -5.18 -10.41
C ALA B 106 28.61 -5.75 -10.83
N ILE B 107 27.54 -5.42 -10.10
CA ILE B 107 26.21 -5.87 -10.51
C ILE B 107 25.83 -5.28 -11.87
N PHE B 108 26.14 -4.00 -12.04
CA PHE B 108 25.81 -3.23 -13.23
C PHE B 108 26.44 -3.79 -14.50
N THR B 109 27.44 -4.69 -14.37
CA THR B 109 28.14 -5.22 -15.56
C THR B 109 27.17 -5.77 -16.60
N THR B 110 26.17 -6.49 -16.13
CA THR B 110 25.25 -7.16 -17.06
C THR B 110 24.53 -6.18 -17.99
N LEU B 111 23.90 -5.17 -17.40
CA LEU B 111 23.36 -4.04 -18.20
C LEU B 111 24.42 -3.36 -19.05
N ALA B 112 25.56 -3.00 -18.45
CA ALA B 112 26.57 -2.20 -19.13
C ALA B 112 27.13 -2.93 -20.36
N ASN B 113 27.19 -4.26 -20.28
CA ASN B 113 27.68 -5.09 -21.41
C ASN B 113 26.61 -5.53 -22.40
N SER B 114 25.35 -5.15 -22.15
CA SER B 114 24.28 -5.69 -22.98
C SER B 114 24.19 -4.99 -24.36
N ASN B 115 23.40 -5.57 -25.26
CA ASN B 115 23.30 -5.06 -26.64
C ASN B 115 24.65 -4.73 -27.31
N PRO B 116 25.59 -5.70 -27.30
CA PRO B 116 26.93 -5.43 -27.84
C PRO B 116 26.88 -5.01 -29.31
N GLY B 117 27.71 -4.06 -29.69
CA GLY B 117 27.72 -3.58 -31.07
C GLY B 117 26.84 -2.37 -31.30
N ALA B 118 25.87 -2.14 -30.41
CA ALA B 118 24.94 -1.03 -30.57
C ALA B 118 25.27 0.12 -29.61
N ASP B 119 24.69 1.30 -29.89
CA ASP B 119 24.88 2.50 -29.09
C ASP B 119 23.71 2.73 -28.15
N VAL B 120 22.66 1.91 -28.27
CA VAL B 120 21.48 2.01 -27.39
C VAL B 120 21.26 0.71 -26.64
N TYR B 121 20.50 0.79 -25.54
CA TYR B 121 19.79 -0.35 -24.99
C TYR B 121 18.37 -0.31 -25.51
N ASN B 122 17.74 -1.49 -25.62
CA ASN B 122 16.41 -1.59 -26.21
C ASN B 122 15.63 -2.72 -25.58
N ILE B 123 14.42 -2.98 -26.09
CA ILE B 123 13.52 -3.91 -25.41
C ILE B 123 14.14 -5.30 -25.34
N SER B 124 14.74 -5.78 -26.43
CA SER B 124 15.29 -7.14 -26.34
C SER B 124 16.53 -7.25 -25.44
N SER B 125 17.38 -6.23 -25.45
CA SER B 125 18.53 -6.27 -24.56
C SER B 125 18.08 -6.12 -23.11
N ALA B 126 17.08 -5.26 -22.83
CA ALA B 126 16.53 -5.18 -21.45
C ALA B 126 16.02 -6.51 -20.97
N ALA B 127 15.28 -7.22 -21.83
CA ALA B 127 14.79 -8.54 -21.49
C ALA B 127 15.92 -9.53 -21.20
N GLN B 128 16.97 -9.49 -22.03
CA GLN B 128 18.08 -10.42 -21.82
C GLN B 128 18.77 -10.11 -20.50
N VAL B 129 18.92 -8.82 -20.21
CA VAL B 129 19.52 -8.40 -18.94
C VAL B 129 18.71 -8.88 -17.73
N GLN B 130 17.39 -8.72 -17.78
CA GLN B 130 16.53 -9.26 -16.71
C GLN B 130 16.69 -10.77 -16.55
N HIS B 131 16.64 -11.48 -17.67
CA HIS B 131 16.91 -12.92 -17.62
C HIS B 131 18.18 -13.24 -16.82
N ASP B 132 19.28 -12.59 -17.20
CA ASP B 132 20.60 -12.96 -16.66
C ASP B 132 20.77 -12.51 -15.21
N ARG B 133 20.20 -11.35 -14.86
CA ARG B 133 20.19 -10.92 -13.46
C ARG B 133 19.41 -11.86 -12.56
N LEU B 134 18.23 -12.27 -12.99
CA LEU B 134 17.44 -13.25 -12.25
C LEU B 134 18.22 -14.56 -12.14
N ALA B 135 18.88 -14.95 -13.22
CA ALA B 135 19.65 -16.20 -13.16
C ALA B 135 20.75 -16.12 -12.10
N ASP B 136 21.42 -14.97 -12.04
CA ASP B 136 22.43 -14.69 -11.00
C ASP B 136 21.87 -14.80 -9.58
N SER B 137 20.71 -14.18 -9.33
CA SER B 137 20.04 -14.34 -8.06
C SER B 137 19.64 -15.79 -7.73
N LEU B 138 19.14 -16.51 -8.72
CA LEU B 138 18.76 -17.91 -8.51
C LEU B 138 19.99 -18.76 -8.14
N ALA B 139 21.13 -18.39 -8.71
CA ALA B 139 22.38 -19.13 -8.46
C ALA B 139 22.93 -18.81 -7.08
N ARG B 140 22.85 -17.55 -6.66
CA ARG B 140 23.70 -17.10 -5.56
C ARG B 140 22.96 -16.75 -4.28
N ASN B 141 21.64 -16.64 -4.36
CA ASN B 141 20.86 -16.17 -3.24
C ASN B 141 19.83 -17.22 -2.86
N PRO B 142 20.08 -17.96 -1.76
CA PRO B 142 19.14 -19.02 -1.35
C PRO B 142 17.78 -18.46 -0.93
N ASN B 143 17.72 -17.17 -0.64
CA ASN B 143 16.49 -16.54 -0.16
C ASN B 143 15.69 -15.81 -1.25
N VAL B 144 16.03 -16.04 -2.51
CA VAL B 144 15.49 -15.25 -3.62
C VAL B 144 13.97 -15.26 -3.65
N THR B 145 13.37 -14.10 -3.93
CA THR B 145 11.93 -14.00 -4.09
C THR B 145 11.67 -13.56 -5.53
N ASN B 146 10.92 -14.35 -6.27
CA ASN B 146 10.76 -14.07 -7.69
C ASN B 146 9.35 -14.50 -8.04
N THR B 147 8.44 -13.52 -8.12
CA THR B 147 7.00 -13.75 -8.27
C THR B 147 6.47 -12.97 -9.47
N ASP B 148 5.20 -13.17 -9.82
CA ASP B 148 4.57 -12.34 -10.86
C ASP B 148 4.77 -10.85 -10.52
N LEU B 149 4.52 -10.49 -9.27
CA LEU B 149 4.68 -9.10 -8.85
C LEU B 149 6.12 -8.55 -9.05
N THR B 150 7.16 -9.26 -8.59
CA THR B 150 8.51 -8.74 -8.74
C THR B 150 8.90 -8.71 -10.21
N ALA B 151 8.39 -9.65 -11.01
CA ALA B 151 8.73 -9.61 -12.42
C ALA B 151 8.14 -8.38 -13.09
N THR B 152 6.88 -8.07 -12.79
CA THR B 152 6.20 -6.88 -13.33
C THR B 152 6.92 -5.59 -12.92
N ILE B 153 7.29 -5.52 -11.65
CA ILE B 153 7.99 -4.33 -11.13
C ILE B 153 9.32 -4.19 -11.89
N ARG B 154 10.02 -5.31 -12.08
CA ARG B 154 11.31 -5.25 -12.76
C ARG B 154 11.17 -4.79 -14.22
N SER B 155 10.19 -5.33 -14.92
CA SER B 155 9.98 -4.87 -16.29
C SER B 155 9.58 -3.39 -16.33
N SER B 156 8.80 -2.97 -15.35
CA SER B 156 8.42 -1.55 -15.27
C SER B 156 9.63 -0.65 -15.12
N GLU B 157 10.54 -1.07 -14.26
CA GLU B 157 11.80 -0.34 -14.05
C GLU B 157 12.69 -0.30 -15.31
N SER B 158 12.77 -1.39 -16.04
CA SER B 158 13.49 -1.35 -17.31
C SER B 158 12.77 -0.43 -18.32
N ALA B 159 11.45 -0.55 -18.40
CA ALA B 159 10.69 0.35 -19.27
C ALA B 159 10.94 1.81 -18.87
N PHE B 160 11.01 2.07 -17.57
CA PHE B 160 11.34 3.43 -17.10
C PHE B 160 12.67 3.94 -17.66
N PHE B 161 13.76 3.18 -17.50
CA PHE B 161 15.03 3.72 -18.00
C PHE B 161 15.07 3.87 -19.53
N LEU B 162 14.37 2.98 -20.25
CA LEU B 162 14.37 3.08 -21.70
C LEU B 162 13.63 4.33 -22.14
N THR B 163 12.52 4.64 -21.46
CA THR B 163 11.68 5.73 -21.89
C THR B 163 12.20 7.07 -21.39
N VAL B 164 12.53 7.13 -20.10
CA VAL B 164 12.86 8.41 -19.51
C VAL B 164 14.20 8.95 -20.02
N MET B 165 15.15 8.03 -20.31
CA MET B 165 16.48 8.39 -20.80
C MET B 165 16.62 8.24 -22.32
N SER B 166 15.50 8.25 -23.03
CA SER B 166 15.52 8.11 -24.49
C SER B 166 16.06 9.35 -25.17
N ALA B 167 16.42 9.19 -26.45
CA ALA B 167 16.92 10.32 -27.24
C ALA B 167 15.80 11.20 -27.77
N GLY B 168 14.60 11.00 -27.25
CA GLY B 168 13.58 12.02 -27.34
C GLY B 168 12.23 11.45 -27.74
N ASP B 169 12.22 10.23 -28.25
CA ASP B 169 10.93 9.55 -28.49
C ASP B 169 10.77 8.29 -27.63
N PRO B 170 10.06 8.42 -26.50
CA PRO B 170 9.99 7.29 -25.56
C PRO B 170 9.24 6.07 -26.11
N LEU B 171 8.44 6.24 -27.16
CA LEU B 171 7.72 5.10 -27.75
C LEU B 171 8.66 4.06 -28.35
N ARG B 172 9.83 4.50 -28.80
CA ARG B 172 10.80 3.59 -29.43
C ARG B 172 11.29 2.48 -28.49
N GLY B 173 11.14 2.68 -27.19
CA GLY B 173 11.62 1.68 -26.23
C GLY B 173 13.12 1.44 -26.42
N GLU B 174 13.86 2.51 -26.63
CA GLU B 174 15.32 2.44 -26.70
C GLU B 174 15.97 3.73 -26.21
N ALA B 175 17.18 3.59 -25.68
CA ALA B 175 17.82 4.74 -25.03
C ALA B 175 19.29 4.61 -25.20
N PRO B 176 19.97 5.71 -25.55
CA PRO B 176 21.42 5.73 -25.69
C PRO B 176 22.12 5.20 -24.45
N LYS B 177 23.07 4.29 -24.63
CA LYS B 177 23.78 3.77 -23.48
C LYS B 177 24.44 4.89 -22.69
N LYS B 178 24.97 5.89 -23.40
CA LYS B 178 25.67 6.98 -22.73
C LYS B 178 24.76 7.66 -21.71
N PHE B 179 23.48 7.80 -22.03
CA PHE B 179 22.53 8.47 -21.12
C PHE B 179 22.17 7.54 -19.94
N VAL B 180 21.85 6.30 -20.25
CA VAL B 180 21.41 5.35 -19.23
C VAL B 180 22.53 5.09 -18.24
N ASN B 181 23.76 5.01 -18.75
CA ASN B 181 24.89 4.75 -17.86
C ASN B 181 25.14 5.87 -16.86
N VAL B 182 25.01 7.11 -17.30
CA VAL B 182 25.20 8.26 -16.41
C VAL B 182 24.08 8.27 -15.38
N PHE B 183 22.86 8.00 -15.86
CA PHE B 183 21.68 7.93 -15.00
C PHE B 183 21.92 6.99 -13.81
N PHE B 184 22.36 5.76 -14.09
CA PHE B 184 22.58 4.78 -13.01
C PHE B 184 23.84 5.12 -12.20
N ARG B 185 24.95 5.39 -12.88
CA ARG B 185 26.24 5.52 -12.16
C ARG B 185 26.33 6.81 -11.34
N GLU B 186 25.72 7.87 -11.84
CA GLU B 186 25.91 9.17 -11.21
C GLU B 186 24.60 9.69 -10.63
N GLU B 187 23.48 9.07 -11.02
CA GLU B 187 22.15 9.60 -10.67
C GLU B 187 22.07 11.09 -11.03
N ARG B 188 22.32 11.34 -12.32
CA ARG B 188 22.44 12.68 -12.88
C ARG B 188 21.71 12.64 -14.21
N MET B 189 20.97 13.69 -14.53
CA MET B 189 20.42 13.81 -15.88
C MET B 189 21.58 14.15 -16.85
N PRO B 190 21.69 13.40 -17.96
CA PRO B 190 22.92 13.52 -18.77
C PRO B 190 22.86 14.67 -19.79
N ILE B 191 22.77 15.88 -19.26
CA ILE B 191 22.43 17.07 -20.04
C ILE B 191 23.58 17.49 -20.96
N LYS B 192 24.79 17.51 -20.41
CA LYS B 192 25.95 17.92 -21.19
C LYS B 192 26.28 16.85 -22.21
N GLU B 193 25.88 15.61 -21.92
CA GLU B 193 25.96 14.52 -22.88
C GLU B 193 24.98 14.60 -24.05
N GLY B 194 23.93 15.40 -23.91
CA GLY B 194 22.94 15.57 -25.00
C GLY B 194 21.49 15.19 -24.69
N TRP B 195 21.22 14.70 -23.48
CA TRP B 195 19.84 14.31 -23.15
C TRP B 195 19.00 15.55 -22.92
N LYS B 196 17.73 15.48 -23.29
CA LYS B 196 16.73 16.45 -22.87
C LYS B 196 15.47 15.70 -22.41
N ARG B 197 14.78 16.26 -21.41
CA ARG B 197 13.45 15.79 -21.00
C ARG B 197 12.55 15.47 -22.19
N SER B 198 11.87 14.32 -22.17
CA SER B 198 10.91 13.94 -23.22
C SER B 198 9.85 15.03 -23.43
N THR B 199 9.55 15.36 -24.68
CA THR B 199 8.36 16.17 -24.96
C THR B 199 7.10 15.33 -25.11
N THR B 200 7.24 14.01 -25.11
CA THR B 200 6.08 13.11 -25.09
C THR B 200 5.79 12.64 -23.66
N PRO B 201 4.54 12.79 -23.20
CA PRO B 201 4.17 12.35 -21.85
C PRO B 201 4.36 10.83 -21.70
N ILE B 202 4.99 10.42 -20.61
CA ILE B 202 5.23 9.00 -20.34
C ILE B 202 4.19 8.53 -19.30
N THR B 203 3.30 7.64 -19.74
CA THR B 203 2.03 7.32 -19.02
C THR B 203 1.94 5.79 -18.87
N ILE B 204 0.93 5.32 -18.13
CA ILE B 204 0.73 3.88 -18.04
C ILE B 204 0.41 3.25 -19.42
N PRO B 205 -0.48 3.90 -20.21
CA PRO B 205 -0.75 3.31 -21.52
C PRO B 205 0.47 3.31 -22.43
N LEU B 206 1.37 4.29 -22.29
CA LEU B 206 2.62 4.26 -23.08
C LEU B 206 3.55 3.11 -22.63
N LEU B 207 3.67 2.95 -21.31
CA LEU B 207 4.61 1.96 -20.77
C LEU B 207 4.13 0.52 -20.90
N GLY B 208 2.83 0.29 -20.81
CA GLY B 208 2.31 -1.07 -20.64
C GLY B 208 2.81 -2.05 -21.70
N PRO B 209 2.69 -1.68 -22.98
CA PRO B 209 3.13 -2.64 -24.02
C PRO B 209 4.64 -2.85 -24.04
N ILE B 210 5.40 -1.83 -23.65
CA ILE B 210 6.86 -2.02 -23.49
C ILE B 210 7.19 -2.99 -22.34
N ILE B 211 6.53 -2.79 -21.21
CA ILE B 211 6.67 -3.69 -20.04
C ILE B 211 6.36 -5.13 -20.46
N GLU B 212 5.21 -5.32 -21.12
CA GLU B 212 4.77 -6.67 -21.53
C GLU B 212 5.76 -7.34 -22.48
N ARG B 213 6.37 -6.56 -23.38
CA ARG B 213 7.28 -7.13 -24.38
C ARG B 213 8.56 -7.51 -23.69
N ILE B 214 9.03 -6.63 -22.80
CA ILE B 214 10.20 -7.00 -22.00
C ILE B 214 10.01 -8.32 -21.27
N THR B 215 8.89 -8.47 -20.56
CA THR B 215 8.63 -9.71 -19.87
C THR B 215 8.55 -10.89 -20.85
N GLU B 216 7.85 -10.69 -21.95
CA GLU B 216 7.66 -11.74 -22.92
C GLU B 216 9.00 -12.25 -23.47
N LEU B 217 9.95 -11.35 -23.67
CA LEU B 217 11.22 -11.73 -24.27
C LEU B 217 12.24 -12.25 -23.26
N SER B 218 11.90 -12.23 -21.99
CA SER B 218 12.87 -12.47 -20.90
C SER B 218 12.97 -13.96 -20.48
N ASP B 219 12.18 -14.80 -21.12
CA ASP B 219 12.14 -16.23 -20.78
C ASP B 219 11.93 -16.49 -19.32
N TRP B 220 10.88 -15.88 -18.75
CA TRP B 220 10.75 -15.80 -17.30
C TRP B 220 9.82 -16.91 -16.79
N LYS B 221 10.11 -17.42 -15.59
CA LYS B 221 9.19 -18.27 -14.82
C LYS B 221 9.27 -17.92 -13.33
N PRO B 222 8.16 -18.08 -12.59
CA PRO B 222 8.16 -17.79 -11.15
C PRO B 222 8.98 -18.79 -10.36
N THR B 223 9.34 -18.41 -9.15
CA THR B 223 10.08 -19.23 -8.20
C THR B 223 9.23 -19.53 -6.96
N GLY B 224 9.32 -20.75 -6.42
CA GLY B 224 8.68 -21.07 -5.15
C GLY B 224 7.17 -20.94 -5.21
N ASP B 225 6.55 -20.44 -4.16
CA ASP B 225 5.08 -20.40 -4.15
C ASP B 225 4.44 -19.28 -5.00
N ASN B 226 5.25 -18.40 -5.58
CA ASN B 226 4.73 -17.33 -6.44
C ASN B 226 3.61 -16.52 -5.77
N CYS B 227 3.83 -16.14 -4.53
CA CYS B 227 2.81 -15.39 -3.81
C CYS B 227 3.22 -13.92 -3.82
N GLY B 228 2.36 -13.06 -4.34
CA GLY B 228 2.70 -11.63 -4.48
C GLY B 228 2.42 -10.80 -3.24
N ALA B 229 2.64 -11.38 -2.06
CA ALA B 229 2.41 -10.68 -0.78
C ALA B 229 3.46 -9.57 -0.66
N ILE B 230 3.06 -8.37 -0.28
CA ILE B 230 4.08 -7.35 0.00
C ILE B 230 4.14 -7.01 1.48
N VAL B 231 5.27 -6.42 1.86
CA VAL B 231 5.48 -5.91 3.19
C VAL B 231 4.74 -4.56 3.28
N LEU B 232 3.85 -4.42 4.26
CA LEU B 232 2.87 -3.33 4.29
C LEU B 232 3.30 -2.18 5.20
N SER B 233 4.43 -2.35 5.87
CA SER B 233 4.90 -1.34 6.82
C SER B 233 6.28 -1.77 7.32
N PRO B 234 7.11 -0.80 7.72
CA PRO B 234 8.34 -1.21 8.37
C PRO B 234 8.03 -1.84 9.73
N GLU B 235 9.04 -2.40 10.38
CA GLU B 235 8.84 -3.18 11.59
C GLU B 235 7.84 -2.51 12.53
N LEU B 236 6.87 -3.28 13.01
CA LEU B 236 6.00 -2.82 14.10
C LEU B 236 6.66 -3.00 15.47
C1 NAG C . -12.04 15.82 -3.78
C2 NAG C . -11.18 16.18 -4.97
C3 NAG C . -12.00 16.14 -6.25
C4 NAG C . -12.95 14.93 -6.32
C5 NAG C . -13.67 14.71 -4.98
C6 NAG C . -14.59 13.47 -4.98
C7 NAG C . -9.30 17.70 -4.78
C8 NAG C . -8.81 19.08 -4.46
N2 NAG C . -10.62 17.50 -4.74
O3 NAG C . -11.10 16.16 -7.32
O4 NAG C . -13.95 15.16 -7.27
O5 NAG C . -12.66 14.58 -4.03
O6 NAG C . -13.83 12.27 -5.14
O7 NAG C . -8.52 16.82 -5.13
C1 NAG C . -13.78 14.21 -8.32
C2 NAG C . -15.05 14.19 -9.19
C3 NAG C . -14.81 13.14 -10.27
C4 NAG C . -13.48 13.44 -10.95
C5 NAG C . -12.34 13.42 -9.94
C6 NAG C . -11.02 13.71 -10.61
C7 NAG C . -17.18 14.77 -8.00
C8 NAG C . -18.32 14.23 -7.16
N2 NAG C . -16.24 13.88 -8.39
O3 NAG C . -15.85 13.21 -11.22
O4 NAG C . -13.24 12.54 -12.01
O5 NAG C . -12.61 14.48 -9.05
O6 NAG C . -11.37 14.29 -11.83
O7 NAG C . -17.19 15.97 -8.28
C1 NAG D . -17.63 -13.38 27.86
C2 NAG D . -16.62 -14.09 28.80
C3 NAG D . -17.08 -15.54 29.06
C4 NAG D . -18.54 -15.60 29.49
C5 NAG D . -19.41 -14.73 28.56
C6 NAG D . -20.83 -14.66 29.10
C7 NAG D . -14.34 -13.32 28.52
C8 NAG D . -13.05 -13.48 27.77
N2 NAG D . -15.31 -14.15 28.16
O3 NAG D . -16.23 -16.13 30.03
O4 NAG D . -18.96 -16.94 29.37
O5 NAG D . -18.90 -13.42 28.48
O6 NAG D . -20.81 -13.91 30.31
O7 NAG D . -14.50 -12.44 29.38
C1 NAG D . -19.57 -17.40 30.60
C2 NAG D . -20.39 -18.67 30.29
C3 NAG D . -20.93 -19.32 31.56
C4 NAG D . -19.95 -19.35 32.73
C5 NAG D . -19.25 -17.98 32.89
C6 NAG D . -18.13 -18.05 33.90
C7 NAG D . -21.45 -18.30 28.11
C8 NAG D . -22.63 -17.75 27.36
N2 NAG D . -21.50 -18.26 29.44
O3 NAG D . -21.35 -20.64 31.29
O4 NAG D . -20.64 -19.79 33.90
O5 NAG D . -18.64 -17.65 31.64
O6 NAG D . -17.23 -19.05 33.48
O7 NAG D . -20.50 -18.77 27.49
C1 BMA D . -19.79 -20.34 34.84
C2 BMA D . -20.31 -20.18 36.27
C3 BMA D . -20.21 -21.50 37.02
C4 BMA D . -20.86 -22.60 36.17
C5 BMA D . -20.37 -22.56 34.73
C6 BMA D . -20.99 -23.70 33.91
O2 BMA D . -21.67 -19.73 36.30
O3 BMA D . -20.82 -21.41 38.32
O4 BMA D . -20.54 -23.89 36.74
O5 BMA D . -20.57 -21.25 34.18
O6 BMA D . -21.42 -23.25 32.62
C1 NAG E . 18.05 -4.21 -30.10
C2 NAG E . 17.07 -4.72 -31.17
C3 NAG E . 17.65 -5.96 -31.83
C4 NAG E . 19.06 -5.67 -32.34
C5 NAG E . 19.90 -5.07 -31.21
C6 NAG E . 21.31 -4.74 -31.66
C7 NAG E . 14.74 -4.24 -30.80
C8 NAG E . 13.45 -4.66 -30.17
N2 NAG E . 15.78 -5.04 -30.60
O3 NAG E . 16.82 -6.36 -32.90
O4 NAG E . 19.62 -6.91 -32.70
O5 NAG E . 19.27 -3.90 -30.73
O6 NAG E . 21.22 -3.65 -32.56
O7 NAG E . 14.82 -3.21 -31.47
C1 NAG E . 20.09 -6.86 -34.06
C2 NAG E . 21.10 -7.97 -34.29
C3 NAG E . 21.36 -8.36 -35.76
C4 NAG E . 20.38 -7.84 -36.82
C5 NAG E . 19.62 -6.62 -36.29
C6 NAG E . 18.55 -6.12 -37.25
C7 NAG E . 22.67 -8.07 -32.46
C8 NAG E . 23.97 -7.59 -31.88
N2 NAG E . 22.35 -7.59 -33.66
O3 NAG E . 21.40 -9.76 -35.81
O4 NAG E . 21.10 -7.51 -38.01
O5 NAG E . 19.06 -6.90 -35.02
O6 NAG E . 17.74 -7.21 -37.64
O7 NAG E . 21.95 -8.87 -31.86
C1 MAN E . 21.11 -8.55 -39.02
C2 MAN E . 22.38 -9.39 -38.89
C3 MAN E . 22.38 -10.58 -39.83
C4 MAN E . 21.42 -10.29 -40.98
C5 MAN E . 21.54 -8.83 -41.39
C6 MAN E . 20.84 -8.64 -42.74
O2 MAN E . 22.49 -9.89 -37.58
O3 MAN E . 21.99 -11.73 -39.11
O4 MAN E . 21.73 -11.10 -42.09
O5 MAN E . 20.99 -8.03 -40.36
O6 MAN E . 20.71 -7.29 -43.11
CHA HEM F . -13.96 -2.64 8.58
CHB HEM F . -13.68 -0.35 12.86
CHC HEM F . -10.28 2.64 10.92
CHD HEM F . -10.77 0.44 6.60
C1A HEM F . -14.06 -2.34 9.91
C2A HEM F . -14.84 -3.10 10.84
C3A HEM F . -14.76 -2.47 12.04
C4A HEM F . -13.94 -1.31 11.87
CMA HEM F . -15.43 -2.93 13.33
CAA HEM F . -15.54 -4.41 10.53
CBA HEM F . -16.84 -4.22 9.72
CGA HEM F . -17.45 -5.58 9.41
O1A HEM F . -18.66 -5.65 9.07
O2A HEM F . -16.76 -6.65 9.51
C1B HEM F . -12.76 0.72 12.65
C2B HEM F . -12.43 1.67 13.66
C3B HEM F . -11.53 2.54 13.13
C4B HEM F . -11.26 2.07 11.76
CMB HEM F . -13.04 1.78 15.05
CAB HEM F . -10.92 3.69 13.86
CBB HEM F . -10.83 4.88 13.25
C1C HEM F . -10.02 2.21 9.62
C2C HEM F . -9.04 2.77 8.77
C3C HEM F . -9.20 2.17 7.53
C4C HEM F . -10.29 1.22 7.63
CMC HEM F . -8.05 3.84 9.22
CAC HEM F . -8.43 2.41 6.28
CBC HEM F . -8.17 3.66 5.91
C1D HEM F . -11.71 -0.57 6.86
C2D HEM F . -12.19 -1.42 5.76
C3D HEM F . -13.03 -2.30 6.32
C4D HEM F . -13.13 -1.92 7.73
CMD HEM F . -11.73 -1.40 4.33
CAD HEM F . -13.77 -3.39 5.57
CBD HEM F . -13.19 -4.77 5.97
CGD HEM F . -14.32 -5.78 5.77
O1D HEM F . -14.39 -6.37 4.69
O2D HEM F . -15.16 -6.05 6.69
NA HEM F . -13.51 -1.24 10.54
NB HEM F . -12.03 0.99 11.53
NC HEM F . -10.77 1.29 8.90
ND HEM F . -12.30 -0.89 8.04
FE HEM F . -12.18 0.00 9.72
C ACT G . -9.66 -1.66 9.84
O ACT G . -10.82 -1.28 10.13
OXT ACT G . -9.41 -2.71 9.18
CH3 ACT G . -8.48 -0.74 10.09
MG MG H . -15.98 -7.46 3.72
C1 GOL I . -27.10 4.37 9.10
O1 GOL I . -26.51 5.65 9.33
C2 GOL I . -26.44 3.74 7.89
O2 GOL I . -27.01 4.32 6.71
C3 GOL I . -26.63 2.23 7.87
O3 GOL I . -25.64 1.61 8.72
CHA HEM J . 14.01 1.02 -8.74
CHB HEM J . 13.47 4.25 -12.34
CHC HEM J . 9.85 6.36 -9.76
CHD HEM J . 10.58 3.21 -6.11
C1A HEM J . 14.04 1.65 -9.96
C2A HEM J . 14.87 1.23 -11.03
C3A HEM J . 14.74 2.13 -12.03
C4A HEM J . 13.83 3.13 -11.60
CMA HEM J . 15.42 2.04 -13.39
CAA HEM J . 15.69 -0.06 -11.12
CBA HEM J . 16.98 0.03 -10.28
CGA HEM J . 17.75 -1.28 -10.35
O1A HEM J . 18.96 -1.28 -9.99
O2A HEM J . 17.20 -2.34 -10.76
C1B HEM J . 12.46 5.13 -11.90
C2B HEM J . 12.07 6.28 -12.64
C3B HEM J . 11.06 6.90 -11.92
C4B HEM J . 10.86 6.09 -10.70
CMB HEM J . 12.62 6.73 -13.99
CAB HEM J . 10.29 8.09 -12.34
CBB HEM J . 10.07 9.08 -11.48
C1C HEM J . 9.70 5.65 -8.56
C2C HEM J . 8.69 5.89 -7.62
C3C HEM J . 8.92 5.02 -6.57
C4C HEM J . 10.02 4.17 -6.93
CMC HEM J . 7.62 6.95 -7.75
CAC HEM J . 8.08 4.85 -5.35
CBC HEM J . 7.92 5.79 -4.42
C1D HEM J . 11.65 2.42 -6.58
C2D HEM J . 12.20 1.36 -5.73
C3D HEM J . 13.15 0.75 -6.47
C4D HEM J . 13.18 1.47 -7.75
CMD HEM J . 11.75 1.02 -4.31
CAD HEM J . 14.05 -0.43 -6.08
CBD HEM J . 13.59 -1.74 -6.75
CGD HEM J . 14.79 -2.65 -6.86
O1D HEM J . 15.62 -2.54 -7.80
O2D HEM J . 14.94 -3.52 -5.97
NA HEM J . 13.44 2.85 -10.28
NB HEM J . 11.75 5.08 -10.75
NC HEM J . 10.49 4.60 -8.12
ND HEM J . 12.24 2.45 -7.79
FE HEM J . 12.00 3.71 -9.21
C ACT K . 9.63 1.86 -9.63
O ACT K . 10.72 2.48 -9.89
OXT ACT K . 9.55 0.63 -9.33
CH3 ACT K . 8.32 2.61 -9.55
MG MG L . 16.69 -4.61 -5.30
C ACT M . 29.11 -8.34 -6.59
O ACT M . 30.29 -8.11 -6.23
OXT ACT M . 28.15 -7.63 -6.17
CH3 ACT M . 28.84 -9.47 -7.54
#